data_7E5I
#
_entry.id   7E5I
#
_cell.length_a   44.721
_cell.length_b   62.003
_cell.length_c   53.122
_cell.angle_alpha   90.000
_cell.angle_beta   106.499
_cell.angle_gamma   90.000
#
_symmetry.space_group_name_H-M   'P 1 21 1'
#
loop_
_entity.id
_entity.type
_entity.pdbx_description
1 polymer 'Peroxisome proliferator-activated receptor alpha'
2 non-polymer '(2S)-2-[[3-[[3-fluoranyl-4-(4-fluoranylphenoxy)phenyl]methylcarbamoyl]-4-methoxy-phenyl]methyl]butanoic acid'
3 water water
#
_entity_poly.entity_id   1
_entity_poly.type   'polypeptide(L)'
_entity_poly.pdbx_seq_one_letter_code
;GSHMTADLKSLAKRIYEAYLKNFNMNKVKARVILSGKASNNPPFVIHDMETLCMAEKTLVAKLVANGIQNKEAEVRIFHC
CQCTSVETVTELTEFAKAIPGFANLDLNDQVTLLKYGVYEAIFAMLSSVMNKDGMLVAYGNGFITREFLKSLRKPFCDIM
EPKFDFAMKFNALELDDSDISLFVAAIICCGDRPGLLNVGHIEKMQEGIVHVLRLHLQSNHPDDIFLFPKLLQKMADLRQ
LVTEHAQLVQIIKKTESDAALHPLLQEIYRDMY
;
_entity_poly.pdbx_strand_id   A
#
loop_
_chem_comp.id
_chem_comp.type
_chem_comp.name
_chem_comp.formula
HW3 non-polymer '(2S)-2-[[3-[[3-fluoranyl-4-(4-fluoranylphenoxy)phenyl]methylcarbamoyl]-4-methoxy-phenyl]methyl]butanoic acid' 'C26 H25 F2 N O5'
#
# COMPACT_ATOMS: atom_id res chain seq x y z
N THR A 5 -5.51 -3.65 28.62
CA THR A 5 -6.69 -2.90 28.99
C THR A 5 -7.82 -3.18 28.01
N ALA A 6 -9.06 -3.16 28.52
CA ALA A 6 -10.21 -3.49 27.68
C ALA A 6 -10.44 -2.43 26.60
N ASP A 7 -10.23 -1.15 26.95
CA ASP A 7 -10.42 -0.09 25.95
C ASP A 7 -9.34 -0.13 24.89
N LEU A 8 -8.11 -0.55 25.25
CA LEU A 8 -7.05 -0.65 24.26
C LEU A 8 -7.18 -1.92 23.43
N LYS A 9 -7.57 -3.03 24.05
CA LYS A 9 -7.90 -4.24 23.31
C LYS A 9 -9.03 -3.99 22.33
N SER A 10 -10.04 -3.23 22.75
CA SER A 10 -11.16 -2.91 21.87
C SER A 10 -10.74 -1.96 20.76
N LEU A 11 -9.81 -1.03 21.04
CA LEU A 11 -9.35 -0.15 19.99
C LEU A 11 -8.63 -0.95 18.91
N ALA A 12 -7.79 -1.89 19.32
CA ALA A 12 -7.08 -2.72 18.35
C ALA A 12 -8.07 -3.53 17.51
N LYS A 13 -9.17 -3.99 18.13
CA LYS A 13 -10.16 -4.76 17.40
C LYS A 13 -10.97 -3.87 16.46
N ARG A 14 -11.33 -2.66 16.91
CA ARG A 14 -12.03 -1.71 16.05
C ARG A 14 -11.23 -1.39 14.80
N ILE A 15 -9.91 -1.22 14.95
N ILE A 15 -9.91 -1.21 14.96
CA ILE A 15 -9.09 -0.90 13.78
CA ILE A 15 -9.05 -0.92 13.82
C ILE A 15 -8.94 -2.13 12.89
C ILE A 15 -8.98 -2.13 12.89
N TYR A 16 -8.76 -3.31 13.49
CA TYR A 16 -8.71 -4.55 12.71
C TYR A 16 -10.00 -4.78 11.96
N GLU A 17 -11.14 -4.55 12.62
CA GLU A 17 -12.42 -4.78 11.95
C GLU A 17 -12.62 -3.78 10.82
N ALA A 18 -12.21 -2.53 11.02
CA ALA A 18 -12.30 -1.53 9.96
C ALA A 18 -11.41 -1.89 8.79
N TYR A 19 -10.27 -2.53 9.05
N TYR A 19 -10.26 -2.53 9.06
CA TYR A 19 -9.37 -2.99 8.00
CA TYR A 19 -9.38 -2.97 7.98
C TYR A 19 -10.00 -4.11 7.19
C TYR A 19 -10.02 -4.10 7.18
N LEU A 20 -10.56 -5.11 7.87
CA LEU A 20 -11.18 -6.23 7.18
C LEU A 20 -12.37 -5.77 6.36
N LYS A 21 -13.05 -4.73 6.80
CA LYS A 21 -14.23 -4.25 6.09
C LYS A 21 -13.87 -3.40 4.87
N ASN A 22 -12.78 -2.62 4.93
CA ASN A 22 -12.56 -1.60 3.92
C ASN A 22 -11.56 -1.99 2.85
N PHE A 23 -10.74 -3.00 3.07
CA PHE A 23 -9.79 -3.42 2.05
C PHE A 23 -10.30 -4.66 1.34
N ASN A 24 -10.27 -4.64 0.00
CA ASN A 24 -10.80 -5.77 -0.75
C ASN A 24 -9.91 -6.98 -0.59
N MET A 25 -8.61 -6.76 -0.40
CA MET A 25 -7.63 -7.81 -0.24
C MET A 25 -7.08 -7.73 1.17
N ASN A 26 -6.96 -8.87 1.81
CA ASN A 26 -6.26 -8.96 3.07
C ASN A 26 -5.30 -10.14 2.98
N LYS A 27 -4.49 -10.31 4.01
CA LYS A 27 -3.37 -11.23 3.89
C LYS A 27 -3.83 -12.68 3.95
N VAL A 28 -4.85 -12.97 4.76
CA VAL A 28 -5.43 -14.31 4.77
C VAL A 28 -5.97 -14.66 3.40
N LYS A 29 -6.82 -13.80 2.83
CA LYS A 29 -7.38 -14.04 1.51
C LYS A 29 -6.28 -14.19 0.47
N ALA A 30 -5.26 -13.34 0.56
CA ALA A 30 -4.19 -13.39 -0.44
C ALA A 30 -3.43 -14.70 -0.36
N ARG A 31 -3.17 -15.18 0.86
CA ARG A 31 -2.41 -16.41 1.04
CA ARG A 31 -2.39 -16.41 1.02
C ARG A 31 -3.18 -17.63 0.55
N VAL A 32 -4.50 -17.61 0.70
CA VAL A 32 -5.32 -18.70 0.15
C VAL A 32 -5.15 -18.75 -1.36
N ILE A 33 -5.22 -17.58 -2.02
CA ILE A 33 -5.11 -17.55 -3.47
C ILE A 33 -3.70 -17.95 -3.90
N LEU A 34 -2.69 -17.42 -3.23
CA LEU A 34 -1.30 -17.70 -3.56
C LEU A 34 -0.90 -19.15 -3.32
N SER A 35 -1.71 -19.91 -2.57
CA SER A 35 -1.41 -21.32 -2.40
C SER A 35 -1.97 -22.17 -3.54
N GLY A 36 -3.01 -21.69 -4.21
CA GLY A 36 -3.60 -22.41 -5.33
C GLY A 36 -4.61 -23.45 -4.90
N ASN A 41 -12.28 -19.32 -9.98
CA ASN A 41 -11.43 -18.44 -10.79
C ASN A 41 -9.99 -18.37 -10.26
N PRO A 42 -9.22 -19.44 -10.50
CA PRO A 42 -7.82 -19.44 -10.06
C PRO A 42 -7.02 -18.38 -10.80
N PRO A 43 -5.97 -17.84 -10.20
CA PRO A 43 -5.33 -16.66 -10.79
C PRO A 43 -4.62 -17.00 -12.10
N PHE A 44 -4.93 -16.19 -13.11
CA PHE A 44 -4.26 -16.30 -14.40
C PHE A 44 -2.84 -15.74 -14.29
N VAL A 45 -1.86 -16.50 -14.76
CA VAL A 45 -0.45 -16.16 -14.56
C VAL A 45 0.04 -15.35 -15.75
N ILE A 46 0.53 -14.14 -15.46
CA ILE A 46 1.13 -13.25 -16.45
C ILE A 46 2.64 -13.35 -16.26
N HIS A 47 3.32 -14.00 -17.21
CA HIS A 47 4.74 -14.22 -17.08
C HIS A 47 5.52 -13.79 -18.33
N ASP A 48 4.83 -13.32 -19.37
CA ASP A 48 5.45 -12.86 -20.60
C ASP A 48 4.44 -12.00 -21.36
N MET A 49 4.86 -11.51 -22.53
CA MET A 49 3.98 -10.60 -23.29
C MET A 49 2.73 -11.31 -23.79
N GLU A 50 2.87 -12.56 -24.25
CA GLU A 50 1.69 -13.30 -24.69
C GLU A 50 0.63 -13.36 -23.59
N THR A 51 1.05 -13.74 -22.38
CA THR A 51 0.08 -13.89 -21.29
C THR A 51 -0.36 -12.54 -20.74
N LEU A 52 0.48 -11.50 -20.77
CA LEU A 52 -0.02 -10.16 -20.49
C LEU A 52 -1.17 -9.79 -21.43
N CYS A 53 -1.02 -10.06 -22.72
CA CYS A 53 -2.06 -9.67 -23.66
C CYS A 53 -3.33 -10.50 -23.45
N MET A 54 -3.17 -11.78 -23.10
CA MET A 54 -4.32 -12.63 -22.81
C MET A 54 -5.06 -12.12 -21.58
N ALA A 55 -4.31 -11.82 -20.52
CA ALA A 55 -4.94 -11.32 -19.29
C ALA A 55 -5.68 -10.02 -19.55
N GLU A 56 -5.08 -9.13 -20.31
CA GLU A 56 -5.70 -7.86 -20.64
C GLU A 56 -7.07 -8.08 -21.28
N LYS A 57 -7.16 -9.00 -22.25
CA LYS A 57 -8.42 -9.22 -22.95
C LYS A 57 -9.50 -9.77 -22.02
N THR A 58 -9.12 -10.50 -20.98
CA THR A 58 -10.09 -11.03 -20.02
C THR A 58 -10.32 -10.11 -18.83
N LEU A 59 -9.29 -9.45 -18.31
CA LEU A 59 -9.43 -8.76 -17.04
C LEU A 59 -9.52 -7.23 -17.13
N VAL A 60 -9.06 -6.62 -18.23
CA VAL A 60 -9.17 -5.18 -18.46
C VAL A 60 -9.43 -4.97 -19.95
N ALA A 61 -10.45 -5.63 -20.50
CA ALA A 61 -10.63 -5.68 -21.95
C ALA A 61 -10.76 -4.29 -22.57
N LYS A 62 -11.27 -3.30 -21.81
CA LYS A 62 -11.43 -1.96 -22.35
C LYS A 62 -10.10 -1.34 -22.75
N LEU A 63 -9.02 -1.67 -22.03
CA LEU A 63 -7.74 -1.01 -22.26
C LEU A 63 -7.10 -1.42 -23.58
N VAL A 64 -7.36 -2.64 -24.05
CA VAL A 64 -6.72 -3.14 -25.27
C VAL A 64 -7.73 -3.24 -26.42
N ALA A 65 -8.84 -2.51 -26.35
CA ALA A 65 -9.87 -2.54 -27.38
C ALA A 65 -9.72 -1.39 -28.37
N ASN A 66 -8.50 -0.90 -28.59
CA ASN A 66 -8.25 0.22 -29.49
C ASN A 66 -7.48 -0.18 -30.74
N GLY A 67 -7.11 -1.45 -30.89
CA GLY A 67 -6.42 -1.87 -32.09
C GLY A 67 -4.97 -1.43 -32.08
N ILE A 68 -4.51 -0.90 -33.21
CA ILE A 68 -3.15 -0.37 -33.29
C ILE A 68 -2.97 0.91 -32.50
N GLN A 69 -4.05 1.47 -31.96
CA GLN A 69 -3.99 2.65 -31.11
C GLN A 69 -3.72 2.32 -29.65
N ASN A 70 -3.60 1.04 -29.31
CA ASN A 70 -3.23 0.67 -27.94
C ASN A 70 -1.85 1.21 -27.61
N LYS A 71 -1.60 1.35 -26.31
CA LYS A 71 -0.32 1.86 -25.85
C LYS A 71 0.72 0.74 -25.80
N GLU A 72 1.98 1.13 -25.69
CA GLU A 72 3.06 0.18 -25.44
C GLU A 72 2.76 -0.62 -24.17
N ALA A 73 3.23 -1.87 -24.13
CA ALA A 73 2.85 -2.75 -23.01
C ALA A 73 3.26 -2.15 -21.67
N GLU A 74 4.46 -1.58 -21.60
CA GLU A 74 4.93 -0.98 -20.35
C GLU A 74 4.00 0.14 -19.90
N VAL A 75 3.45 0.89 -20.86
CA VAL A 75 2.58 2.00 -20.49
C VAL A 75 1.22 1.49 -20.03
N ARG A 76 0.69 0.44 -20.67
CA ARG A 76 -0.55 -0.17 -20.19
C ARG A 76 -0.38 -0.70 -18.78
N ILE A 77 0.76 -1.32 -18.48
CA ILE A 77 0.99 -1.84 -17.13
C ILE A 77 1.03 -0.70 -16.13
N PHE A 78 1.75 0.37 -16.47
CA PHE A 78 1.82 1.56 -15.62
C PHE A 78 0.44 2.12 -15.33
N HIS A 79 -0.41 2.18 -16.36
CA HIS A 79 -1.77 2.67 -16.16
C HIS A 79 -2.56 1.78 -15.20
N CYS A 80 -2.41 0.46 -15.36
CA CYS A 80 -3.12 -0.47 -14.50
C CYS A 80 -2.59 -0.42 -13.07
N CYS A 81 -1.29 -0.17 -12.90
CA CYS A 81 -0.77 0.04 -11.56
C CYS A 81 -1.37 1.29 -10.92
N GLN A 82 -1.48 2.39 -11.68
CA GLN A 82 -2.10 3.60 -11.15
C GLN A 82 -3.55 3.36 -10.77
N CYS A 83 -4.29 2.64 -11.62
CA CYS A 83 -5.68 2.33 -11.28
C CYS A 83 -5.78 1.53 -9.99
N THR A 84 -4.87 0.58 -9.78
CA THR A 84 -4.82 -0.13 -8.51
C THR A 84 -4.58 0.83 -7.35
N SER A 85 -3.63 1.75 -7.52
CA SER A 85 -3.34 2.71 -6.45
C SER A 85 -4.55 3.58 -6.14
N VAL A 86 -5.25 4.05 -7.18
CA VAL A 86 -6.42 4.91 -6.97
C VAL A 86 -7.47 4.19 -6.13
N GLU A 87 -7.72 2.91 -6.44
CA GLU A 87 -8.67 2.14 -5.65
C GLU A 87 -8.21 1.99 -4.20
N THR A 88 -6.90 1.77 -3.99
CA THR A 88 -6.42 1.60 -2.62
C THR A 88 -6.50 2.91 -1.83
N VAL A 89 -6.33 4.04 -2.50
CA VAL A 89 -6.49 5.34 -1.83
C VAL A 89 -7.92 5.51 -1.35
N THR A 90 -8.89 5.08 -2.15
CA THR A 90 -10.30 5.14 -1.74
C THR A 90 -10.55 4.28 -0.51
N GLU A 91 -10.03 3.05 -0.52
CA GLU A 91 -10.17 2.17 0.64
C GLU A 91 -9.47 2.76 1.86
N LEU A 92 -8.27 3.33 1.66
CA LEU A 92 -7.53 3.90 2.79
C LEU A 92 -8.27 5.08 3.39
N THR A 93 -8.93 5.87 2.55
CA THR A 93 -9.65 7.05 3.04
C THR A 93 -10.82 6.66 3.93
N GLU A 94 -11.53 5.58 3.60
CA GLU A 94 -12.63 5.15 4.45
C GLU A 94 -12.16 4.42 5.69
N PHE A 95 -11.08 3.65 5.58
CA PHE A 95 -10.46 3.04 6.73
C PHE A 95 -10.10 4.06 7.80
N ALA A 96 -9.54 5.21 7.37
CA ALA A 96 -9.00 6.19 8.30
C ALA A 96 -10.04 6.67 9.30
N LYS A 97 -11.33 6.52 9.00
CA LYS A 97 -12.37 6.98 9.90
C LYS A 97 -12.43 6.20 11.21
N ALA A 98 -11.89 4.98 11.27
CA ALA A 98 -12.02 4.21 12.51
C ALA A 98 -10.89 4.50 13.48
N ILE A 99 -9.86 5.20 13.01
CA ILE A 99 -8.77 5.68 13.85
C ILE A 99 -9.34 6.73 14.80
N PRO A 100 -9.30 6.49 16.11
CA PRO A 100 -9.91 7.45 17.04
C PRO A 100 -9.29 8.83 16.90
N GLY A 101 -10.17 9.82 16.81
CA GLY A 101 -9.76 11.19 16.65
C GLY A 101 -9.53 11.63 15.22
N PHE A 102 -9.44 10.69 14.27
CA PHE A 102 -9.14 11.10 12.90
C PHE A 102 -10.29 11.90 12.30
N ALA A 103 -11.50 11.39 12.41
CA ALA A 103 -12.68 12.12 11.95
C ALA A 103 -12.92 13.39 12.74
N ASN A 104 -12.38 13.48 13.95
CA ASN A 104 -12.48 14.71 14.73
C ASN A 104 -11.41 15.74 14.36
N LEU A 105 -10.49 15.40 13.48
CA LEU A 105 -9.46 16.34 13.05
C LEU A 105 -10.03 17.35 12.05
N ASP A 106 -9.34 18.47 11.93
CA ASP A 106 -9.67 19.45 10.91
C ASP A 106 -9.66 18.79 9.54
N LEU A 107 -10.63 19.17 8.70
CA LEU A 107 -10.74 18.57 7.38
C LEU A 107 -9.44 18.68 6.61
N ASN A 108 -8.75 19.82 6.72
CA ASN A 108 -7.51 20.00 5.98
C ASN A 108 -6.41 19.08 6.50
N ASP A 109 -6.38 18.84 7.81
CA ASP A 109 -5.39 17.93 8.38
C ASP A 109 -5.65 16.49 7.95
N GLN A 110 -6.91 16.08 7.87
CA GLN A 110 -7.21 14.75 7.34
C GLN A 110 -6.63 14.60 5.95
N VAL A 111 -6.72 15.64 5.13
CA VAL A 111 -6.20 15.60 3.76
C VAL A 111 -4.69 15.44 3.76
N THR A 112 -3.99 16.22 4.61
CA THR A 112 -2.54 16.17 4.67
C THR A 112 -2.04 14.82 5.14
N LEU A 113 -2.67 14.25 6.17
CA LEU A 113 -2.24 12.95 6.66
C LEU A 113 -2.39 11.89 5.56
N LEU A 114 -3.53 11.90 4.87
CA LEU A 114 -3.73 10.91 3.82
C LEU A 114 -2.78 11.16 2.67
N LYS A 115 -2.49 12.43 2.39
CA LYS A 115 -1.61 12.75 1.27
C LYS A 115 -0.23 12.10 1.42
N TYR A 116 0.39 12.27 2.58
CA TYR A 116 1.72 11.71 2.82
C TYR A 116 1.69 10.26 3.26
N GLY A 117 0.55 9.78 3.76
CA GLY A 117 0.49 8.43 4.26
C GLY A 117 0.11 7.37 3.24
N VAL A 118 -0.69 7.71 2.22
CA VAL A 118 -1.30 6.64 1.41
C VAL A 118 -0.25 5.77 0.72
N TYR A 119 0.79 6.36 0.14
CA TYR A 119 1.75 5.51 -0.56
C TYR A 119 2.62 4.70 0.40
N GLU A 120 2.89 5.20 1.60
CA GLU A 120 3.54 4.36 2.58
C GLU A 120 2.64 3.18 2.90
N ALA A 121 1.35 3.45 3.11
CA ALA A 121 0.40 2.38 3.39
C ALA A 121 0.26 1.43 2.19
N ILE A 122 0.24 1.98 0.98
CA ILE A 122 0.12 1.15 -0.24
C ILE A 122 1.27 0.15 -0.32
N PHE A 123 2.50 0.62 -0.13
CA PHE A 123 3.63 -0.29 -0.28
C PHE A 123 3.71 -1.27 0.89
N ALA A 124 3.32 -0.85 2.11
CA ALA A 124 3.26 -1.83 3.19
C ALA A 124 2.25 -2.94 2.88
N MET A 125 1.04 -2.56 2.45
CA MET A 125 0.00 -3.55 2.15
C MET A 125 0.27 -4.36 0.88
N LEU A 126 0.99 -3.79 -0.10
CA LEU A 126 1.35 -4.59 -1.28
C LEU A 126 2.08 -5.87 -0.88
N SER A 127 2.85 -5.82 0.21
CA SER A 127 3.59 -6.98 0.66
C SER A 127 2.68 -8.17 0.88
N SER A 128 1.45 -7.92 1.34
CA SER A 128 0.54 -9.03 1.60
C SER A 128 0.18 -9.83 0.35
N VAL A 129 0.30 -9.24 -0.84
CA VAL A 129 -0.06 -9.94 -2.07
C VAL A 129 1.18 -10.31 -2.88
N MET A 130 2.36 -10.16 -2.30
CA MET A 130 3.62 -10.47 -2.94
C MET A 130 4.28 -11.69 -2.31
N ASN A 131 4.88 -12.52 -3.17
CA ASN A 131 5.87 -13.48 -2.68
C ASN A 131 7.15 -13.29 -3.50
N LYS A 132 8.15 -14.15 -3.29
CA LYS A 132 9.42 -13.92 -3.98
C LYS A 132 9.31 -14.09 -5.49
N ASP A 133 8.21 -14.65 -5.98
CA ASP A 133 8.07 -14.95 -7.40
C ASP A 133 7.12 -14.02 -8.14
N GLY A 134 6.31 -13.22 -7.44
CA GLY A 134 5.42 -12.31 -8.13
C GLY A 134 4.34 -11.81 -7.18
N MET A 135 3.24 -11.32 -7.76
CA MET A 135 2.22 -10.68 -6.93
C MET A 135 0.83 -10.82 -7.54
N LEU A 136 -0.18 -10.80 -6.66
CA LEU A 136 -1.55 -10.81 -7.12
C LEU A 136 -1.92 -9.47 -7.73
N VAL A 137 -2.76 -9.50 -8.77
CA VAL A 137 -3.26 -8.32 -9.43
C VAL A 137 -4.74 -8.53 -9.73
N ALA A 138 -5.42 -7.43 -10.05
CA ALA A 138 -6.78 -7.45 -10.58
C ALA A 138 -7.72 -8.20 -9.64
N TYR A 139 -7.77 -7.71 -8.40
CA TYR A 139 -8.72 -8.19 -7.40
C TYR A 139 -8.58 -9.69 -7.17
N GLY A 140 -7.32 -10.16 -7.19
CA GLY A 140 -7.01 -11.55 -6.93
C GLY A 140 -7.12 -12.48 -8.11
N ASN A 141 -7.41 -11.98 -9.30
CA ASN A 141 -7.67 -12.84 -10.44
C ASN A 141 -6.48 -13.03 -11.36
N GLY A 142 -5.38 -12.31 -11.11
CA GLY A 142 -4.15 -12.55 -11.83
C GLY A 142 -2.97 -12.63 -10.89
N PHE A 143 -1.89 -13.24 -11.40
CA PHE A 143 -0.62 -13.27 -10.69
C PHE A 143 0.44 -12.90 -11.71
N ILE A 144 1.13 -11.78 -11.48
CA ILE A 144 2.15 -11.32 -12.44
C ILE A 144 3.51 -11.62 -11.84
N THR A 145 4.42 -12.16 -12.67
CA THR A 145 5.68 -12.62 -12.10
C THR A 145 6.65 -11.48 -11.92
N ARG A 146 7.47 -11.63 -10.87
CA ARG A 146 8.47 -10.63 -10.56
C ARG A 146 9.48 -10.53 -11.69
N GLU A 147 9.81 -11.66 -12.30
CA GLU A 147 10.76 -11.68 -13.42
C GLU A 147 10.19 -10.95 -14.64
N PHE A 148 8.89 -11.11 -14.90
CA PHE A 148 8.29 -10.36 -16.00
C PHE A 148 8.37 -8.87 -15.75
N LEU A 149 8.04 -8.43 -14.52
CA LEU A 149 8.10 -7.01 -14.21
C LEU A 149 9.54 -6.48 -14.33
N LYS A 150 10.53 -7.29 -13.95
CA LYS A 150 11.92 -6.91 -14.13
C LYS A 150 12.30 -6.80 -15.60
N SER A 151 11.56 -7.46 -16.48
CA SER A 151 11.88 -7.54 -17.89
C SER A 151 11.38 -6.33 -18.68
N LEU A 152 10.50 -5.53 -18.09
CA LEU A 152 9.99 -4.32 -18.74
C LEU A 152 11.14 -3.37 -19.05
N ARG A 153 11.01 -2.63 -20.15
CA ARG A 153 12.05 -1.69 -20.50
C ARG A 153 12.13 -0.58 -19.46
N LYS A 154 13.34 -0.05 -19.28
CA LYS A 154 13.53 1.10 -18.43
C LYS A 154 12.69 2.26 -18.96
N PRO A 155 12.15 3.10 -18.08
CA PRO A 155 12.33 3.05 -16.62
C PRO A 155 11.21 2.30 -15.87
N PHE A 156 10.34 1.63 -16.60
CA PHE A 156 9.18 1.03 -15.96
C PHE A 156 9.57 -0.16 -15.08
N CYS A 157 10.60 -0.92 -15.46
CA CYS A 157 11.03 -2.03 -14.61
C CYS A 157 11.51 -1.52 -13.25
N ASP A 158 12.04 -0.30 -13.19
CA ASP A 158 12.64 0.20 -11.96
C ASP A 158 11.59 0.60 -10.92
N ILE A 159 10.32 0.68 -11.32
CA ILE A 159 9.23 0.96 -10.39
C ILE A 159 9.00 -0.22 -9.46
N MET A 160 9.25 -1.42 -9.96
CA MET A 160 8.70 -2.63 -9.39
C MET A 160 9.59 -3.25 -8.33
N GLU A 161 10.85 -3.49 -8.68
CA GLU A 161 11.68 -4.35 -7.84
C GLU A 161 11.94 -3.79 -6.45
N PRO A 162 12.12 -2.47 -6.24
CA PRO A 162 12.31 -2.00 -4.86
C PRO A 162 11.15 -2.35 -3.97
N LYS A 163 9.95 -2.48 -4.55
CA LYS A 163 8.78 -2.79 -3.74
C LYS A 163 8.79 -4.27 -3.33
N PHE A 164 9.26 -5.14 -4.23
CA PHE A 164 9.48 -6.53 -3.84
C PHE A 164 10.58 -6.63 -2.78
N ASP A 165 11.66 -5.86 -2.94
CA ASP A 165 12.75 -5.91 -1.95
C ASP A 165 12.23 -5.55 -0.58
N PHE A 166 11.46 -4.45 -0.51
CA PHE A 166 10.84 -4.10 0.77
C PHE A 166 9.95 -5.22 1.27
N ALA A 167 9.09 -5.74 0.40
CA ALA A 167 8.09 -6.70 0.84
C ALA A 167 8.71 -7.99 1.36
N MET A 168 9.82 -8.44 0.78
CA MET A 168 10.34 -9.73 1.21
C MET A 168 10.84 -9.65 2.65
N LYS A 169 11.48 -8.53 3.01
CA LYS A 169 11.90 -8.34 4.38
C LYS A 169 10.71 -8.11 5.29
N PHE A 170 9.73 -7.35 4.81
CA PHE A 170 8.53 -7.08 5.63
C PHE A 170 7.78 -8.37 5.92
N ASN A 171 7.63 -9.22 4.89
CA ASN A 171 6.91 -10.48 5.06
C ASN A 171 7.65 -11.43 5.99
N ALA A 172 8.97 -11.32 6.10
CA ALA A 172 9.73 -12.18 7.00
C ALA A 172 9.41 -11.90 8.46
N LEU A 173 8.82 -10.75 8.75
CA LEU A 173 8.32 -10.44 10.10
C LEU A 173 7.08 -11.24 10.47
N GLU A 174 6.44 -11.88 9.49
CA GLU A 174 5.27 -12.74 9.72
C GLU A 174 4.17 -12.01 10.50
N LEU A 175 3.88 -10.78 10.11
CA LEU A 175 2.73 -10.08 10.66
C LEU A 175 1.44 -10.69 10.13
N ASP A 176 0.36 -10.52 10.88
CA ASP A 176 -0.96 -10.85 10.38
C ASP A 176 -1.76 -9.56 10.24
N ASP A 177 -3.00 -9.74 9.76
N ASP A 177 -2.99 -9.67 9.74
CA ASP A 177 -3.86 -8.61 9.47
CA ASP A 177 -3.74 -8.45 9.49
C ASP A 177 -4.15 -7.76 10.72
C ASP A 177 -4.10 -7.70 10.75
N SER A 178 -4.19 -8.38 11.90
CA SER A 178 -4.39 -7.63 13.14
C SER A 178 -3.20 -6.71 13.42
N ASP A 179 -1.98 -7.14 13.07
CA ASP A 179 -0.82 -6.27 13.18
C ASP A 179 -0.84 -5.19 12.10
N ILE A 180 -1.09 -5.60 10.86
CA ILE A 180 -0.92 -4.68 9.74
C ILE A 180 -1.94 -3.55 9.80
N SER A 181 -3.16 -3.86 10.25
CA SER A 181 -4.18 -2.82 10.40
C SER A 181 -3.69 -1.69 11.32
N LEU A 182 -3.08 -2.06 12.45
CA LEU A 182 -2.55 -1.06 13.38
C LEU A 182 -1.36 -0.33 12.81
N PHE A 183 -0.50 -1.05 12.08
CA PHE A 183 0.66 -0.43 11.43
C PHE A 183 0.21 0.60 10.41
N VAL A 184 -0.78 0.24 9.57
CA VAL A 184 -1.32 1.20 8.60
C VAL A 184 -1.97 2.40 9.30
N ALA A 185 -2.67 2.16 10.42
CA ALA A 185 -3.20 3.29 11.18
C ALA A 185 -2.09 4.18 11.70
N ALA A 186 -1.02 3.57 12.21
CA ALA A 186 0.14 4.32 12.69
C ALA A 186 0.79 5.14 11.57
N ILE A 187 0.89 4.56 10.36
CA ILE A 187 1.39 5.32 9.21
C ILE A 187 0.53 6.55 8.96
N ILE A 188 -0.80 6.38 9.00
CA ILE A 188 -1.65 7.51 8.62
C ILE A 188 -1.56 8.64 9.66
N CYS A 189 -1.36 8.30 10.93
CA CYS A 189 -1.36 9.30 12.01
C CYS A 189 0.05 9.73 12.36
N CYS A 190 0.81 10.21 11.39
CA CYS A 190 2.14 10.74 11.64
C CYS A 190 2.03 12.24 11.87
N GLY A 191 2.48 12.71 13.04
CA GLY A 191 2.37 14.11 13.36
C GLY A 191 3.44 14.99 12.76
N ASP A 192 4.43 14.41 12.08
CA ASP A 192 5.53 15.19 11.50
C ASP A 192 5.37 15.41 10.00
N ARG A 193 4.17 15.20 9.45
CA ARG A 193 3.95 15.52 8.06
C ARG A 193 3.99 17.04 7.85
N PRO A 194 4.50 17.48 6.70
CA PRO A 194 4.53 18.92 6.41
C PRO A 194 3.14 19.50 6.23
N GLY A 195 2.93 20.72 6.74
CA GLY A 195 1.71 21.44 6.50
C GLY A 195 0.58 21.23 7.49
N LEU A 196 0.80 20.48 8.56
CA LEU A 196 -0.28 20.17 9.49
C LEU A 196 -0.67 21.40 10.29
N LEU A 197 -1.98 21.53 10.57
CA LEU A 197 -2.50 22.66 11.33
C LEU A 197 -2.45 22.41 12.83
N ASN A 198 -3.00 21.28 13.28
N ASN A 198 -3.00 21.29 13.29
CA ASN A 198 -3.09 20.95 14.71
CA ASN A 198 -3.06 21.01 14.72
C ASN A 198 -2.14 19.81 15.04
C ASN A 198 -2.14 19.82 15.02
N VAL A 199 -0.84 20.11 15.03
CA VAL A 199 0.17 19.06 15.22
C VAL A 199 0.00 18.40 16.58
N GLY A 200 -0.29 19.20 17.61
CA GLY A 200 -0.44 18.63 18.94
C GLY A 200 -1.51 17.56 19.01
N HIS A 201 -2.67 17.82 18.42
CA HIS A 201 -3.75 16.85 18.50
C HIS A 201 -3.40 15.58 17.74
N ILE A 202 -2.69 15.73 16.62
CA ILE A 202 -2.31 14.56 15.81
C ILE A 202 -1.28 13.72 16.54
N GLU A 203 -0.34 14.37 17.22
CA GLU A 203 0.65 13.64 18.01
C GLU A 203 -0.01 12.82 19.09
N LYS A 204 -1.01 13.39 19.78
N LYS A 204 -1.01 13.39 19.78
CA LYS A 204 -1.71 12.61 20.79
CA LYS A 204 -1.71 12.61 20.79
C LYS A 204 -2.49 11.46 20.16
C LYS A 204 -2.48 11.46 20.15
N MET A 205 -3.13 11.71 19.01
CA MET A 205 -3.81 10.63 18.29
C MET A 205 -2.82 9.54 17.90
N GLN A 206 -1.68 9.95 17.32
CA GLN A 206 -0.60 9.02 16.99
C GLN A 206 -0.16 8.21 18.21
N GLU A 207 0.11 8.90 19.32
CA GLU A 207 0.57 8.20 20.52
C GLU A 207 -0.41 7.11 20.95
N GLY A 208 -1.71 7.37 20.84
CA GLY A 208 -2.68 6.37 21.23
C GLY A 208 -2.64 5.13 20.34
N ILE A 209 -2.52 5.34 19.02
CA ILE A 209 -2.46 4.19 18.12
C ILE A 209 -1.14 3.46 18.29
N VAL A 210 -0.04 4.21 18.41
CA VAL A 210 1.25 3.56 18.59
C VAL A 210 1.29 2.80 19.90
N HIS A 211 0.66 3.34 20.95
CA HIS A 211 0.55 2.64 22.23
C HIS A 211 -0.18 1.31 22.05
N VAL A 212 -1.31 1.33 21.34
CA VAL A 212 -2.06 0.11 21.09
C VAL A 212 -1.26 -0.86 20.23
N LEU A 213 -0.49 -0.34 19.26
CA LEU A 213 0.33 -1.21 18.41
C LEU A 213 1.43 -1.89 19.22
N ARG A 214 2.09 -1.15 20.10
CA ARG A 214 3.14 -1.75 20.93
C ARG A 214 2.58 -2.86 21.81
N LEU A 215 1.45 -2.60 22.49
CA LEU A 215 0.86 -3.65 23.34
C LEU A 215 0.38 -4.84 22.52
N HIS A 216 -0.22 -4.58 21.36
CA HIS A 216 -0.69 -5.67 20.51
C HIS A 216 0.46 -6.57 20.06
N LEU A 217 1.57 -5.97 19.64
CA LEU A 217 2.71 -6.76 19.19
C LEU A 217 3.30 -7.61 20.31
N GLN A 218 3.34 -7.04 21.52
CA GLN A 218 3.77 -7.82 22.69
C GLN A 218 2.88 -9.04 22.88
N SER A 219 1.57 -8.86 22.71
N SER A 219 1.57 -8.86 22.76
CA SER A 219 0.60 -9.94 22.94
CA SER A 219 0.64 -9.98 22.96
C SER A 219 0.57 -10.94 21.80
C SER A 219 0.73 -10.97 21.80
N ASN A 220 0.68 -10.46 20.57
CA ASN A 220 0.53 -11.32 19.40
C ASN A 220 1.84 -11.92 18.91
N HIS A 221 2.98 -11.36 19.32
CA HIS A 221 4.30 -11.82 18.89
C HIS A 221 5.26 -11.89 20.08
N PRO A 222 4.97 -12.74 21.06
CA PRO A 222 5.83 -12.82 22.25
C PRO A 222 7.21 -13.36 21.95
N ASP A 223 7.42 -13.93 20.77
CA ASP A 223 8.70 -14.52 20.39
C ASP A 223 9.70 -13.48 19.88
N ASP A 224 9.28 -12.25 19.60
CA ASP A 224 10.13 -11.27 18.90
C ASP A 224 10.16 -9.99 19.73
N ILE A 225 11.14 -9.87 20.64
CA ILE A 225 11.12 -8.77 21.58
C ILE A 225 11.45 -7.44 20.96
N PHE A 226 11.99 -7.44 19.72
N PHE A 226 12.00 -7.42 19.74
CA PHE A 226 12.35 -6.26 18.97
CA PHE A 226 12.28 -6.15 19.07
C PHE A 226 11.31 -5.86 17.93
C PHE A 226 11.32 -5.88 17.92
N LEU A 227 10.16 -6.55 17.88
CA LEU A 227 9.26 -6.35 16.74
C LEU A 227 8.77 -4.91 16.65
N PHE A 228 8.48 -4.27 17.78
CA PHE A 228 8.00 -2.89 17.70
C PHE A 228 9.05 -1.96 17.12
N PRO A 229 10.30 -1.92 17.62
CA PRO A 229 11.28 -1.05 16.95
C PRO A 229 11.58 -1.46 15.51
N LYS A 230 11.49 -2.76 15.18
CA LYS A 230 11.62 -3.17 13.77
C LYS A 230 10.56 -2.48 12.93
N LEU A 231 9.34 -2.40 13.43
CA LEU A 231 8.28 -1.79 12.63
C LEU A 231 8.42 -0.28 12.58
N LEU A 232 8.89 0.36 13.66
CA LEU A 232 9.25 1.77 13.55
C LEU A 232 10.27 1.99 12.45
N GLN A 233 11.28 1.12 12.35
CA GLN A 233 12.25 1.29 11.28
C GLN A 233 11.59 1.07 9.92
N LYS A 234 10.66 0.11 9.82
CA LYS A 234 9.99 -0.08 8.53
C LYS A 234 9.20 1.15 8.12
N MET A 235 8.64 1.89 9.09
CA MET A 235 7.95 3.13 8.73
C MET A 235 8.92 4.14 8.12
N ALA A 236 10.10 4.27 8.71
CA ALA A 236 11.12 5.14 8.14
C ALA A 236 11.55 4.64 6.76
N ASP A 237 11.72 3.31 6.63
CA ASP A 237 12.10 2.74 5.33
C ASP A 237 11.04 3.07 4.29
N LEU A 238 9.77 3.01 4.67
CA LEU A 238 8.69 3.26 3.72
C LEU A 238 8.69 4.73 3.28
N ARG A 239 8.99 5.64 4.20
CA ARG A 239 9.09 7.05 3.82
C ARG A 239 10.15 7.24 2.75
N GLN A 240 11.30 6.60 2.91
N GLN A 240 11.33 6.61 2.93
CA GLN A 240 12.35 6.72 1.91
CA GLN A 240 12.36 6.71 1.91
C GLN A 240 11.95 6.03 0.61
C GLN A 240 11.91 6.06 0.61
N LEU A 241 11.28 4.87 0.71
CA LEU A 241 10.79 4.20 -0.48
C LEU A 241 9.84 5.09 -1.28
N VAL A 242 9.02 5.86 -0.58
CA VAL A 242 8.06 6.72 -1.27
C VAL A 242 8.77 7.91 -1.91
N THR A 243 9.73 8.50 -1.20
CA THR A 243 10.50 9.59 -1.80
C THR A 243 11.18 9.13 -3.10
N GLU A 244 11.79 7.96 -3.06
CA GLU A 244 12.42 7.40 -4.25
C GLU A 244 11.40 7.09 -5.33
N HIS A 245 10.23 6.58 -4.93
CA HIS A 245 9.19 6.26 -5.91
C HIS A 245 8.72 7.52 -6.62
N ALA A 246 8.49 8.58 -5.85
CA ALA A 246 8.04 9.84 -6.44
C ALA A 246 9.06 10.38 -7.42
N GLN A 247 10.35 10.21 -7.13
CA GLN A 247 11.38 10.67 -8.06
C GLN A 247 11.32 9.90 -9.37
N LEU A 248 11.11 8.58 -9.29
CA LEU A 248 11.05 7.78 -10.51
C LEU A 248 9.79 8.11 -11.31
N VAL A 249 8.68 8.33 -10.62
CA VAL A 249 7.44 8.73 -11.30
C VAL A 249 7.64 10.05 -12.03
N GLN A 250 8.38 10.98 -11.43
CA GLN A 250 8.67 12.25 -12.09
C GLN A 250 9.50 12.04 -13.36
N ILE A 251 10.45 11.09 -13.32
CA ILE A 251 11.21 10.79 -14.53
C ILE A 251 10.30 10.28 -15.62
N ILE A 252 9.40 9.36 -15.28
CA ILE A 252 8.47 8.81 -16.28
C ILE A 252 7.61 9.92 -16.86
N LYS A 253 7.10 10.81 -16.01
CA LYS A 253 6.24 11.89 -16.49
C LYS A 253 6.97 12.80 -17.48
N LYS A 254 8.26 13.05 -17.25
CA LYS A 254 8.98 13.96 -18.12
C LYS A 254 9.47 13.30 -19.40
N THR A 255 9.75 12.00 -19.36
CA THR A 255 10.42 11.33 -20.47
C THR A 255 9.53 10.33 -21.21
N GLU A 256 8.29 10.12 -20.75
CA GLU A 256 7.37 9.17 -21.38
C GLU A 256 6.04 9.89 -21.60
N SER A 257 5.86 10.47 -22.79
CA SER A 257 4.69 11.28 -23.07
C SER A 257 3.40 10.47 -23.11
N ASP A 258 3.49 9.16 -23.26
CA ASP A 258 2.31 8.30 -23.31
C ASP A 258 1.82 7.85 -21.94
N ALA A 259 2.61 8.09 -20.89
CA ALA A 259 2.29 7.59 -19.56
C ALA A 259 1.61 8.70 -18.75
N ALA A 260 0.34 8.93 -19.07
CA ALA A 260 -0.44 9.93 -18.36
C ALA A 260 -0.58 9.57 -16.89
N LEU A 261 -0.48 10.59 -16.03
CA LEU A 261 -0.71 10.42 -14.60
C LEU A 261 -2.18 10.64 -14.29
N HIS A 262 -2.78 9.70 -13.58
CA HIS A 262 -4.13 9.90 -13.09
C HIS A 262 -4.20 11.19 -12.27
N PRO A 263 -5.28 11.97 -12.39
CA PRO A 263 -5.34 13.25 -11.66
C PRO A 263 -5.35 13.12 -10.15
N LEU A 264 -5.98 12.08 -9.58
CA LEU A 264 -5.95 11.91 -8.13
C LEU A 264 -4.52 11.65 -7.66
N LEU A 265 -3.77 10.86 -8.40
CA LEU A 265 -2.39 10.61 -8.02
C LEU A 265 -1.52 11.83 -8.28
N GLN A 266 -1.83 12.57 -9.35
CA GLN A 266 -1.15 13.84 -9.61
C GLN A 266 -1.23 14.78 -8.41
N GLU A 267 -2.41 14.87 -7.78
CA GLU A 267 -2.57 15.76 -6.63
C GLU A 267 -1.85 15.23 -5.39
N ILE A 268 -1.81 13.90 -5.22
CA ILE A 268 -1.07 13.32 -4.10
C ILE A 268 0.41 13.67 -4.21
N TYR A 269 0.98 13.56 -5.40
CA TYR A 269 2.40 13.82 -5.58
C TYR A 269 2.73 15.31 -5.58
N ARG A 270 1.74 16.16 -5.86
CA ARG A 270 1.96 17.60 -5.97
C ARG A 270 2.47 18.15 -4.65
N ASP A 271 3.67 18.75 -4.69
CA ASP A 271 4.28 19.36 -3.51
C ASP A 271 4.51 18.35 -2.40
N MET A 272 4.66 17.07 -2.75
CA MET A 272 4.91 16.06 -1.73
C MET A 272 6.36 16.12 -1.25
N TYR A 273 7.29 15.62 -2.06
CA TYR A 273 8.71 15.66 -1.74
C TYR A 273 9.50 16.35 -2.85
C1 HW3 B . 1.72 4.41 -8.44
C10 HW3 B . 4.65 -0.94 -7.65
C11 HW3 B . 4.34 0.41 -7.54
C12 HW3 B . 1.12 -2.30 -8.18
C13 HW3 B . 0.23 -4.48 -8.82
C14 HW3 B . -0.04 -4.47 -10.30
C15 HW3 B . 0.92 -4.88 -11.20
C16 HW3 B . 0.69 -4.89 -12.56
C17 HW3 B . -0.54 -4.51 -13.04
C18 HW3 B . -1.51 -4.08 -12.15
C19 HW3 B . -1.28 -4.06 -10.80
C2 HW3 B . 2.12 2.97 -8.79
C3 HW3 B . 3.05 2.89 -10.00
C30 HW3 B . 5.19 -3.66 -7.83
C36 HW3 B . -1.69 -5.39 -14.95
C37 HW3 B . -2.36 -6.32 -14.19
C38 HW3 B . -3.27 -7.18 -14.81
C39 HW3 B . -3.45 -7.06 -16.16
C4 HW3 B . 2.41 3.38 -11.29
C40 HW3 B . -2.81 -6.14 -16.92
C41 HW3 B . -1.90 -5.29 -16.31
C5 HW3 B . 2.75 2.34 -7.53
C6 HW3 B . 3.05 0.88 -7.66
C7 HW3 B . 2.03 -0.05 -7.86
C8 HW3 B . 2.29 -1.41 -7.96
C9 HW3 B . 3.63 -1.86 -7.85
F42 HW3 B . -2.70 -3.70 -12.64
F43 HW3 B . -4.35 -7.90 -16.76
N35 HW3 B . 1.33 -3.59 -8.46
O1 HW3 B . -0.02 -1.83 -8.13
O33 HW3 B . 2.60 5.30 -8.47
O34 HW3 B . 0.55 4.62 -8.09
O35 HW3 B . -0.76 -4.51 -14.40
O37 HW3 B . 3.85 -3.20 -7.94
#